data_8P7H
#
_entry.id   8P7H
#
_cell.length_a   69.669
_cell.length_b   69.669
_cell.length_c   186.830
_cell.angle_alpha   90.00
_cell.angle_beta   90.00
_cell.angle_gamma   90.00
#
_symmetry.space_group_name_H-M   'P 43 21 2'
#
loop_
_entity.id
_entity.type
_entity.pdbx_description
1 polymer 'Parathion hydrolase'
2 non-polymer 'FORMIC ACID'
3 non-polymer 'ZINC ION'
4 non-polymer GLYCEROL
5 non-polymer 'SULFATE ION'
6 non-polymer 2-methylidene-1,3-dioxane-4,4-diol
7 non-polymer 1,2-ETHANEDIOL
8 water water
#
_entity_poly.entity_id   1
_entity_poly.type   'polypeptide(L)'
_entity_poly.pdbx_seq_one_letter_code
;GDRINTVRGPITISEAGFTLTHEHICGSSAGFLRAWPEFFGSRAALVEKAVRGLRRARAAGVRTIVDVSTFDAGRDVSLL
AEVSRAADVHIVAATGLWEDPPLSMRLRSVEELTQFFLREIQYGIEDTGIRAGIIKVATQGKATPFQELVLRAAARASLA
TGVPVTTHTFASQRDGEQQAAIFESEGLSPSRVCIGHSDDTDDLSYLTALAARGYLIGLDGIPHSAIGLEDNASASALLG
NRSWQTRALLIKALIDQGYMKQILVSNDWLFGFSSYVTNIMDVMDSVNPDGMAFIPLRVIPFLREKGVPQETLAGITVTN
PARFLSPTL
;
_entity_poly.pdbx_strand_id   A
#
loop_
_chem_comp.id
_chem_comp.type
_chem_comp.name
_chem_comp.formula
EDO non-polymer 1,2-ETHANEDIOL 'C2 H6 O2'
FMT non-polymer 'FORMIC ACID' 'C H2 O2'
GOL non-polymer GLYCEROL 'C3 H8 O3'
SO4 non-polymer 'SULFATE ION' 'O4 S -2'
X3B non-polymer 2-methylidene-1,3-dioxane-4,4-diol 'C5 H8 O4'
ZN non-polymer 'ZINC ION' 'Zn 2'
#
# COMPACT_ATOMS: atom_id res chain seq x y z
N GLY A 1 -17.46 1.30 -11.27
CA GLY A 1 -18.42 0.53 -10.50
C GLY A 1 -18.06 -0.95 -10.52
N ASP A 2 -18.09 -1.53 -11.72
CA ASP A 2 -17.57 -2.88 -11.95
C ASP A 2 -16.25 -2.83 -12.71
N ARG A 3 -15.52 -1.71 -12.59
CA ARG A 3 -14.21 -1.55 -13.20
C ARG A 3 -13.26 -0.95 -12.17
N ILE A 4 -12.01 -1.42 -12.20
CA ILE A 4 -10.91 -0.86 -11.40
C ILE A 4 -9.95 -0.18 -12.35
N ASN A 5 -9.61 1.07 -12.08
CA ASN A 5 -8.65 1.77 -12.92
C ASN A 5 -7.22 1.31 -12.62
N THR A 6 -6.50 0.95 -13.67
CA THR A 6 -5.08 0.63 -13.60
C THR A 6 -4.31 1.61 -14.49
N VAL A 7 -2.98 1.52 -14.42
CA VAL A 7 -2.13 2.40 -15.22
C VAL A 7 -2.20 2.10 -16.70
N ARG A 8 -2.85 1.00 -17.09
CA ARG A 8 -3.13 0.70 -18.49
C ARG A 8 -4.61 0.75 -18.82
N GLY A 9 -5.43 1.30 -17.94
CA GLY A 9 -6.85 1.43 -18.21
C GLY A 9 -7.72 0.62 -17.27
N PRO A 10 -9.02 0.61 -17.52
CA PRO A 10 -9.94 -0.12 -16.64
C PRO A 10 -9.83 -1.62 -16.82
N ILE A 11 -9.97 -2.35 -15.71
CA ILE A 11 -10.02 -3.81 -15.76
C ILE A 11 -11.25 -4.26 -14.99
N THR A 12 -11.77 -5.41 -15.35
CA THR A 12 -12.88 -5.98 -14.61
C THR A 12 -12.40 -6.51 -13.27
N ILE A 13 -13.36 -6.69 -12.36
CA ILE A 13 -13.03 -7.17 -11.03
C ILE A 13 -12.35 -8.54 -11.10
N SER A 14 -12.83 -9.41 -11.98
CA SER A 14 -12.24 -10.74 -12.06
C SER A 14 -10.85 -10.73 -12.69
N GLU A 15 -10.52 -9.69 -13.46
CA GLU A 15 -9.17 -9.60 -14.02
C GLU A 15 -8.11 -9.31 -12.96
N ALA A 16 -8.49 -8.75 -11.81
CA ALA A 16 -7.49 -8.37 -10.83
C ALA A 16 -6.76 -9.58 -10.26
N GLY A 17 -7.49 -10.66 -9.97
CA GLY A 17 -6.82 -11.86 -9.48
C GLY A 17 -6.10 -11.63 -8.15
N PHE A 18 -5.09 -12.48 -7.93
CA PHE A 18 -4.21 -12.36 -6.77
C PHE A 18 -3.59 -10.98 -6.74
N THR A 19 -3.88 -10.21 -5.69
CA THR A 19 -3.54 -8.79 -5.65
C THR A 19 -2.76 -8.47 -4.39
N LEU A 20 -1.60 -7.84 -4.56
CA LEU A 20 -0.83 -7.27 -3.46
C LEU A 20 -1.29 -5.82 -3.29
N THR A 21 -1.79 -5.48 -2.10
CA THR A 21 -2.52 -4.22 -1.94
C THR A 21 -1.66 -3.07 -1.42
N HIS A 22 -0.39 -3.30 -1.11
CA HIS A 22 0.47 -2.19 -0.65
C HIS A 22 1.89 -2.49 -1.11
N GLU A 23 2.29 -1.90 -2.23
CA GLU A 23 3.59 -2.11 -2.84
C GLU A 23 4.05 -0.80 -3.46
N HIS A 24 5.30 -0.78 -3.92
CA HIS A 24 5.89 0.40 -4.57
C HIS A 24 6.79 -0.07 -5.69
N ILE A 25 6.67 0.56 -6.86
CA ILE A 25 7.73 0.39 -7.84
C ILE A 25 8.97 1.14 -7.38
N CYS A 26 8.79 2.40 -7.01
CA CYS A 26 9.91 3.24 -6.59
C CYS A 26 9.43 4.19 -5.50
N GLY A 27 10.00 4.06 -4.31
CA GLY A 27 9.71 4.99 -3.24
C GLY A 27 10.70 6.16 -3.31
N SER A 28 10.21 7.32 -3.74
CA SER A 28 11.10 8.44 -4.01
C SER A 28 10.46 9.74 -3.54
N SER A 29 10.68 10.82 -4.28
CA SER A 29 10.08 12.12 -4.00
C SER A 29 9.69 12.74 -5.33
N ALA A 30 8.72 13.66 -5.30
CA ALA A 30 8.22 14.22 -6.57
C ALA A 30 9.37 14.82 -7.37
N GLY A 31 9.45 14.47 -8.64
CA GLY A 31 10.46 15.02 -9.53
C GLY A 31 11.85 14.41 -9.42
N PHE A 32 12.10 13.57 -8.41
CA PHE A 32 13.46 13.15 -8.10
C PHE A 32 14.01 12.19 -9.15
N LEU A 33 13.23 11.20 -9.57
CA LEU A 33 13.70 10.27 -10.60
C LEU A 33 13.99 10.99 -11.91
N ARG A 34 13.20 12.01 -12.24
CA ARG A 34 13.44 12.81 -13.44
C ARG A 34 14.70 13.65 -13.31
N ALA A 35 14.95 14.22 -12.13
CA ALA A 35 16.07 15.12 -11.96
C ALA A 35 17.39 14.42 -11.67
N TRP A 36 17.36 13.18 -11.16
CA TRP A 36 18.59 12.55 -10.71
C TRP A 36 18.50 11.05 -10.95
N PRO A 37 18.28 10.61 -12.20
CA PRO A 37 18.09 9.16 -12.43
C PRO A 37 19.32 8.35 -12.09
N GLU A 38 20.51 8.96 -12.12
CA GLU A 38 21.74 8.24 -11.79
C GLU A 38 21.74 7.77 -10.34
N PHE A 39 20.90 8.35 -9.49
CA PHE A 39 20.80 7.85 -8.13
C PHE A 39 20.43 6.37 -8.11
N PHE A 40 19.63 5.95 -9.08
CA PHE A 40 19.19 4.58 -9.21
C PHE A 40 20.06 3.80 -10.19
N GLY A 41 21.28 4.29 -10.44
CA GLY A 41 22.10 3.76 -11.52
C GLY A 41 21.71 4.44 -12.82
N SER A 42 20.54 4.08 -13.33
CA SER A 42 19.90 4.75 -14.45
C SER A 42 18.42 4.45 -14.36
N ARG A 43 17.62 5.26 -15.07
CA ARG A 43 16.20 4.94 -15.17
C ARG A 43 16.00 3.57 -15.81
N ALA A 44 16.82 3.24 -16.82
CA ALA A 44 16.67 1.96 -17.49
C ALA A 44 16.98 0.80 -16.55
N ALA A 45 17.98 0.97 -15.68
CA ALA A 45 18.31 -0.06 -14.71
C ALA A 45 17.16 -0.26 -13.72
N LEU A 46 16.52 0.83 -13.28
CA LEU A 46 15.36 0.72 -12.40
C LEU A 46 14.22 -0.03 -13.08
N VAL A 47 13.91 0.35 -14.32
CA VAL A 47 12.86 -0.34 -15.08
C VAL A 47 13.16 -1.83 -15.18
N GLU A 48 14.39 -2.18 -15.55
CA GLU A 48 14.72 -3.60 -15.71
C GLU A 48 14.59 -4.36 -14.39
N LYS A 49 15.07 -3.78 -13.29
CA LYS A 49 14.95 -4.41 -11.99
C LYS A 49 13.48 -4.63 -11.62
N ALA A 50 12.64 -3.63 -11.87
CA ALA A 50 11.22 -3.77 -11.54
C ALA A 50 10.55 -4.81 -12.42
N VAL A 51 10.86 -4.82 -13.73
CA VAL A 51 10.25 -5.79 -14.61
C VAL A 51 10.65 -7.21 -14.19
N ARG A 52 11.93 -7.43 -13.88
CA ARG A 52 12.35 -8.75 -13.41
C ARG A 52 11.63 -9.14 -12.13
N GLY A 53 11.49 -8.20 -11.19
CA GLY A 53 10.84 -8.54 -9.94
C GLY A 53 9.36 -8.82 -10.12
N LEU A 54 8.70 -8.04 -10.97
CA LEU A 54 7.28 -8.28 -11.20
C LEU A 54 7.05 -9.56 -11.99
N ARG A 55 7.95 -9.88 -12.92
CA ARG A 55 7.81 -11.14 -13.64
C ARG A 55 7.95 -12.33 -12.70
N ARG A 56 8.85 -12.25 -11.73
CA ARG A 56 8.99 -13.32 -10.76
C ARG A 56 7.78 -13.40 -9.84
N ALA A 57 7.21 -12.25 -9.47
CA ALA A 57 5.97 -12.27 -8.69
C ALA A 57 4.83 -12.89 -9.50
N ARG A 58 4.74 -12.56 -10.79
CA ARG A 58 3.70 -13.15 -11.63
C ARG A 58 3.85 -14.65 -11.73
N ALA A 59 5.09 -15.14 -11.83
CA ALA A 59 5.29 -16.58 -11.88
C ALA A 59 4.84 -17.25 -10.60
N ALA A 60 4.90 -16.53 -9.48
CA ALA A 60 4.47 -17.04 -8.19
C ALA A 60 2.97 -16.90 -7.97
N GLY A 61 2.25 -16.27 -8.89
CA GLY A 61 0.80 -16.18 -8.85
C GLY A 61 0.24 -14.78 -8.78
N VAL A 62 1.07 -13.75 -8.58
CA VAL A 62 0.55 -12.39 -8.47
C VAL A 62 0.04 -11.93 -9.83
N ARG A 63 -1.13 -11.27 -9.83
CA ARG A 63 -1.68 -10.72 -11.06
C ARG A 63 -1.81 -9.22 -11.04
N THR A 64 -1.92 -8.60 -9.86
CA THR A 64 -2.11 -7.16 -9.71
C THR A 64 -1.31 -6.69 -8.50
N ILE A 65 -0.70 -5.52 -8.58
CA ILE A 65 -0.21 -4.86 -7.38
C ILE A 65 -0.86 -3.49 -7.32
N VAL A 66 -1.04 -3.00 -6.10
CA VAL A 66 -1.48 -1.64 -5.86
C VAL A 66 -0.25 -0.85 -5.44
N ASP A 67 0.17 0.09 -6.28
CA ASP A 67 1.31 0.94 -5.97
C ASP A 67 0.77 2.12 -5.18
N VAL A 68 1.08 2.15 -3.89
CA VAL A 68 0.50 3.17 -3.02
C VAL A 68 1.47 4.33 -2.85
N SER A 69 2.33 4.54 -3.85
CA SER A 69 3.15 5.75 -3.90
C SER A 69 2.29 6.94 -4.31
N THR A 70 2.33 8.00 -3.53
CA THR A 70 1.62 9.23 -3.84
C THR A 70 2.49 10.20 -4.63
N PHE A 71 1.91 11.36 -4.96
CA PHE A 71 2.65 12.50 -5.51
C PHE A 71 3.96 12.73 -4.77
N ASP A 72 3.90 12.91 -3.44
CA ASP A 72 5.09 13.24 -2.68
C ASP A 72 6.01 12.06 -2.41
N ALA A 73 5.56 10.82 -2.65
CA ALA A 73 6.45 9.68 -2.66
C ALA A 73 7.06 9.45 -4.04
N GLY A 74 6.95 10.42 -4.94
CA GLY A 74 7.63 10.33 -6.21
C GLY A 74 7.00 9.40 -7.22
N ARG A 75 5.71 9.10 -7.05
CA ARG A 75 4.96 8.31 -8.03
C ARG A 75 5.18 8.86 -9.44
N ASP A 76 5.60 7.98 -10.33
CA ASP A 76 5.76 8.29 -11.76
C ASP A 76 4.88 7.31 -12.52
N VAL A 77 3.66 7.73 -12.89
CA VAL A 77 2.73 6.75 -13.46
C VAL A 77 3.21 6.28 -14.83
N SER A 78 3.99 7.09 -15.53
N SER A 78 3.99 7.09 -15.53
CA SER A 78 4.55 6.62 -16.81
CA SER A 78 4.56 6.64 -16.81
C SER A 78 5.53 5.48 -16.59
C SER A 78 5.52 5.48 -16.58
N LEU A 79 6.29 5.53 -15.49
CA LEU A 79 7.14 4.41 -15.13
C LEU A 79 6.31 3.17 -14.78
N LEU A 80 5.25 3.37 -14.01
CA LEU A 80 4.37 2.25 -13.65
C LEU A 80 3.75 1.61 -14.88
N ALA A 81 3.32 2.42 -15.84
CA ALA A 81 2.72 1.87 -17.04
C ALA A 81 3.73 1.06 -17.84
N GLU A 82 4.97 1.58 -17.96
CA GLU A 82 6.01 0.85 -18.69
C GLU A 82 6.30 -0.49 -18.05
N VAL A 83 6.47 -0.51 -16.72
CA VAL A 83 6.79 -1.75 -16.06
C VAL A 83 5.60 -2.71 -16.08
N SER A 84 4.38 -2.17 -15.94
CA SER A 84 3.19 -3.01 -15.98
C SER A 84 3.03 -3.70 -17.33
N ARG A 85 3.27 -2.96 -18.43
CA ARG A 85 3.18 -3.56 -19.75
C ARG A 85 4.23 -4.64 -19.95
N ALA A 86 5.48 -4.35 -19.55
CA ALA A 86 6.56 -5.29 -19.79
C ALA A 86 6.42 -6.56 -18.96
N ALA A 87 5.88 -6.45 -17.74
CA ALA A 87 5.79 -7.61 -16.85
C ALA A 87 4.45 -8.33 -16.93
N ASP A 88 3.45 -7.76 -17.60
CA ASP A 88 2.11 -8.35 -17.65
C ASP A 88 1.53 -8.52 -16.23
N VAL A 89 1.70 -7.48 -15.42
CA VAL A 89 1.11 -7.41 -14.08
C VAL A 89 0.36 -6.09 -14.00
N HIS A 90 -0.93 -6.15 -13.64
CA HIS A 90 -1.72 -4.93 -13.49
C HIS A 90 -1.15 -4.10 -12.35
N ILE A 91 -1.14 -2.78 -12.51
CA ILE A 91 -0.73 -1.88 -11.43
C ILE A 91 -1.80 -0.82 -11.23
N VAL A 92 -2.33 -0.75 -10.01
CA VAL A 92 -3.25 0.31 -9.61
C VAL A 92 -2.42 1.44 -9.02
N ALA A 93 -2.63 2.67 -9.52
CA ALA A 93 -1.93 3.83 -8.99
C ALA A 93 -2.74 4.53 -7.91
N ALA A 94 -2.05 5.34 -7.12
CA ALA A 94 -2.64 6.01 -5.98
C ALA A 94 -2.64 7.52 -6.18
N THR A 95 -3.63 8.18 -5.58
CA THR A 95 -3.53 9.60 -5.25
C THR A 95 -3.39 9.71 -3.73
N GLY A 96 -3.58 10.91 -3.20
CA GLY A 96 -3.40 11.16 -1.78
C GLY A 96 -2.08 11.84 -1.49
N LEU A 97 -1.71 11.88 -0.21
CA LEU A 97 -0.44 12.42 0.22
C LEU A 97 0.12 11.53 1.33
N TRP A 98 1.44 11.36 1.31
CA TRP A 98 2.17 10.46 2.18
C TRP A 98 2.87 11.29 3.26
N GLU A 99 4.05 10.88 3.72
CA GLU A 99 4.61 11.55 4.87
C GLU A 99 5.51 12.73 4.53
N ASP A 100 5.61 13.10 3.26
CA ASP A 100 6.53 14.17 2.89
C ASP A 100 5.92 15.20 1.95
N PRO A 101 4.73 15.76 2.24
CA PRO A 101 4.15 16.75 1.32
C PRO A 101 5.01 18.02 1.28
N PRO A 102 5.20 18.59 0.10
CA PRO A 102 5.93 19.85 0.00
C PRO A 102 5.04 21.02 0.39
N LEU A 103 5.66 22.19 0.49
CA LEU A 103 4.95 23.40 0.88
C LEU A 103 3.70 23.64 0.04
N SER A 104 3.80 23.43 -1.28
CA SER A 104 2.66 23.73 -2.15
C SER A 104 1.47 22.82 -1.85
N MET A 105 1.69 21.69 -1.19
CA MET A 105 0.58 20.88 -0.68
C MET A 105 0.23 21.22 0.76
N ARG A 106 1.24 21.43 1.62
CA ARG A 106 0.99 21.60 3.05
C ARG A 106 0.22 22.88 3.37
N LEU A 107 0.21 23.84 2.46
CA LEU A 107 -0.49 25.11 2.66
C LEU A 107 -1.94 25.07 2.18
N ARG A 108 -2.40 23.95 1.66
CA ARG A 108 -3.72 23.90 1.03
C ARG A 108 -4.82 23.59 2.04
N SER A 109 -6.05 24.00 1.67
CA SER A 109 -7.23 23.75 2.47
C SER A 109 -7.78 22.35 2.19
N VAL A 110 -8.74 21.92 3.01
CA VAL A 110 -9.40 20.63 2.78
C VAL A 110 -10.12 20.63 1.43
N GLU A 111 -10.70 21.76 1.03
CA GLU A 111 -11.39 21.84 -0.25
C GLU A 111 -10.42 21.73 -1.42
N GLU A 112 -9.29 22.45 -1.34
CA GLU A 112 -8.28 22.38 -2.39
C GLU A 112 -7.72 20.96 -2.52
N LEU A 113 -7.39 20.34 -1.39
CA LEU A 113 -6.87 18.97 -1.43
C LEU A 113 -7.89 18.01 -2.04
N THR A 114 -9.17 18.19 -1.70
CA THR A 114 -10.20 17.34 -2.30
C THR A 114 -10.22 17.52 -3.80
N GLN A 115 -10.10 18.76 -4.29
CA GLN A 115 -10.01 18.97 -5.74
C GLN A 115 -8.85 18.22 -6.34
N PHE A 116 -7.68 18.27 -5.69
CA PHE A 116 -6.52 17.59 -6.24
C PHE A 116 -6.71 16.08 -6.28
N PHE A 117 -7.21 15.50 -5.18
CA PHE A 117 -7.42 14.04 -5.18
C PHE A 117 -8.44 13.64 -6.24
N LEU A 118 -9.54 14.41 -6.36
CA LEU A 118 -10.55 14.11 -7.36
C LEU A 118 -9.98 14.24 -8.78
N ARG A 119 -9.08 15.21 -8.99
CA ARG A 119 -8.42 15.34 -10.29
C ARG A 119 -7.74 14.04 -10.68
N GLU A 120 -6.98 13.46 -9.75
CA GLU A 120 -6.21 12.27 -10.07
C GLU A 120 -7.08 11.03 -10.18
N ILE A 121 -8.26 11.02 -9.53
CA ILE A 121 -9.17 9.89 -9.63
C ILE A 121 -10.04 10.00 -10.87
N GLN A 122 -10.56 11.20 -11.15
CA GLN A 122 -11.64 11.39 -12.11
C GLN A 122 -11.18 11.87 -13.48
N TYR A 123 -10.05 12.56 -13.54
CA TYR A 123 -9.56 13.18 -14.76
C TYR A 123 -8.27 12.48 -15.21
N GLY A 124 -7.24 12.52 -14.40
CA GLY A 124 -6.02 11.83 -14.70
C GLY A 124 -4.86 12.43 -13.94
N ILE A 125 -3.78 11.68 -13.89
CA ILE A 125 -2.56 12.09 -13.18
C ILE A 125 -1.68 12.83 -14.18
N GLU A 126 -1.28 14.05 -13.83
CA GLU A 126 -0.47 14.92 -14.69
C GLU A 126 -1.19 15.00 -16.04
N ASP A 127 -0.49 14.83 -17.16
CA ASP A 127 -1.10 14.85 -18.48
C ASP A 127 -1.20 13.46 -19.08
N THR A 128 -1.19 12.41 -18.25
CA THR A 128 -1.12 11.04 -18.74
C THR A 128 -2.47 10.42 -19.01
N GLY A 129 -3.56 10.99 -18.49
CA GLY A 129 -4.85 10.34 -18.54
C GLY A 129 -4.99 9.11 -17.67
N ILE A 130 -3.95 8.72 -16.95
CA ILE A 130 -4.01 7.57 -16.04
C ILE A 130 -4.68 7.99 -14.75
N ARG A 131 -5.69 7.24 -14.32
CA ARG A 131 -6.47 7.59 -13.15
C ARG A 131 -6.12 6.70 -11.96
N ALA A 132 -6.07 7.31 -10.78
CA ALA A 132 -5.81 6.57 -9.55
C ALA A 132 -7.00 5.71 -9.16
N GLY A 133 -6.70 4.52 -8.62
CA GLY A 133 -7.72 3.61 -8.13
C GLY A 133 -7.74 3.47 -6.62
N ILE A 134 -6.96 4.28 -5.90
CA ILE A 134 -6.91 4.24 -4.44
C ILE A 134 -6.39 5.59 -3.97
N ILE A 135 -6.72 5.96 -2.74
CA ILE A 135 -6.26 7.18 -2.09
C ILE A 135 -5.41 6.77 -0.90
N LYS A 136 -4.16 7.25 -0.87
CA LYS A 136 -3.19 6.94 0.18
C LYS A 136 -3.05 8.14 1.11
N VAL A 137 -3.06 7.91 2.43
CA VAL A 137 -2.87 8.97 3.41
C VAL A 137 -1.92 8.47 4.49
N ALA A 138 -1.46 9.38 5.36
CA ALA A 138 -0.42 9.00 6.32
C ALA A 138 -0.52 9.83 7.60
N THR A 139 -0.30 9.19 8.73
CA THR A 139 0.09 9.86 9.96
C THR A 139 1.28 9.10 10.54
N GLN A 140 2.04 9.78 11.40
CA GLN A 140 3.19 9.15 12.07
C GLN A 140 3.11 9.61 13.53
N GLY A 141 2.19 9.00 14.26
CA GLY A 141 1.79 9.51 15.55
C GLY A 141 0.57 10.40 15.42
N LYS A 142 0.36 11.24 16.44
CA LYS A 142 -0.76 12.17 16.42
C LYS A 142 -0.72 12.98 15.12
N ALA A 143 -1.90 13.12 14.49
CA ALA A 143 -1.93 13.77 13.19
C ALA A 143 -1.55 15.25 13.33
N THR A 144 -0.76 15.74 12.38
CA THR A 144 -0.54 17.17 12.29
C THR A 144 -1.84 17.84 11.85
N PRO A 145 -1.97 19.15 12.07
CA PRO A 145 -3.14 19.85 11.53
C PRO A 145 -3.34 19.60 10.05
N PHE A 146 -2.25 19.62 9.29
CA PHE A 146 -2.38 19.38 7.85
C PHE A 146 -2.82 17.95 7.58
N GLN A 147 -2.26 16.98 8.29
CA GLN A 147 -2.67 15.60 8.05
C GLN A 147 -4.15 15.39 8.33
N GLU A 148 -4.72 16.11 9.31
CA GLU A 148 -6.16 16.04 9.52
C GLU A 148 -6.91 16.48 8.26
N LEU A 149 -6.43 17.55 7.61
CA LEU A 149 -7.07 17.99 6.37
C LEU A 149 -6.94 16.92 5.29
N VAL A 150 -5.77 16.29 5.19
CA VAL A 150 -5.56 15.27 4.17
C VAL A 150 -6.53 14.11 4.38
N LEU A 151 -6.69 13.67 5.63
N LEU A 151 -6.67 13.66 5.64
CA LEU A 151 -7.60 12.55 5.88
CA LEU A 151 -7.59 12.57 5.94
C LEU A 151 -9.04 12.94 5.56
C LEU A 151 -9.02 12.95 5.56
N ARG A 152 -9.41 14.18 5.84
CA ARG A 152 -10.77 14.62 5.53
C ARG A 152 -10.98 14.72 4.02
N ALA A 153 -9.99 15.27 3.31
CA ALA A 153 -10.08 15.36 1.85
C ALA A 153 -10.15 13.98 1.22
N ALA A 154 -9.36 13.03 1.72
CA ALA A 154 -9.44 11.65 1.23
C ALA A 154 -10.84 11.08 1.43
N ALA A 155 -11.43 11.31 2.60
CA ALA A 155 -12.80 10.85 2.81
C ALA A 155 -13.75 11.50 1.82
N ARG A 156 -13.62 12.81 1.58
CA ARG A 156 -14.53 13.46 0.64
C ARG A 156 -14.35 12.93 -0.77
N ALA A 157 -13.10 12.71 -1.18
CA ALA A 157 -12.86 12.16 -2.51
C ALA A 157 -13.41 10.75 -2.62
N SER A 158 -13.27 9.94 -1.56
CA SER A 158 -13.79 8.58 -1.64
C SER A 158 -15.32 8.60 -1.64
N LEU A 159 -15.94 9.50 -0.88
CA LEU A 159 -17.40 9.59 -0.87
C LEU A 159 -17.95 10.03 -2.22
N ALA A 160 -17.20 10.83 -2.96
CA ALA A 160 -17.68 11.25 -4.27
C ALA A 160 -17.50 10.18 -5.34
N THR A 161 -16.51 9.29 -5.19
CA THR A 161 -16.10 8.38 -6.26
C THR A 161 -16.25 6.90 -5.95
N GLY A 162 -16.33 6.51 -4.68
CA GLY A 162 -16.33 5.11 -4.32
C GLY A 162 -14.96 4.46 -4.25
N VAL A 163 -13.90 5.19 -4.57
CA VAL A 163 -12.54 4.66 -4.53
C VAL A 163 -12.10 4.53 -3.07
N PRO A 164 -11.42 3.44 -2.69
CA PRO A 164 -11.07 3.24 -1.27
C PRO A 164 -9.89 4.09 -0.83
N VAL A 165 -9.73 4.15 0.50
CA VAL A 165 -8.63 4.85 1.15
C VAL A 165 -7.75 3.83 1.85
N THR A 166 -6.43 4.02 1.77
CA THR A 166 -5.50 3.15 2.47
C THR A 166 -4.49 4.02 3.22
N THR A 167 -4.06 3.59 4.41
CA THR A 167 -3.29 4.51 5.26
C THR A 167 -1.94 3.96 5.64
N HIS A 168 -1.03 4.89 5.89
CA HIS A 168 0.22 4.65 6.59
C HIS A 168 0.00 5.01 8.05
N THR A 169 0.45 4.14 8.97
CA THR A 169 0.35 4.42 10.39
C THR A 169 1.69 4.21 11.07
N PHE A 170 1.82 4.85 12.24
CA PHE A 170 2.72 4.47 13.32
C PHE A 170 1.91 3.53 14.21
N ALA A 171 1.97 2.23 13.90
CA ALA A 171 1.00 1.29 14.45
C ALA A 171 1.12 1.16 15.97
N SER A 172 2.34 1.21 16.49
CA SER A 172 2.50 1.07 17.94
C SER A 172 1.95 2.28 18.69
N GLN A 173 1.72 3.40 18.01
CA GLN A 173 1.04 4.54 18.61
C GLN A 173 -0.47 4.53 18.38
N ARG A 174 -0.98 3.46 17.75
N ARG A 174 -0.99 3.46 17.78
CA ARG A 174 -2.41 3.25 17.54
CA ARG A 174 -2.44 3.29 17.58
C ARG A 174 -3.03 4.37 16.69
C ARG A 174 -3.03 4.40 16.70
N ASP A 175 -2.27 4.82 15.69
CA ASP A 175 -2.73 5.90 14.80
C ASP A 175 -4.10 5.61 14.18
N GLY A 176 -4.40 4.35 13.89
CA GLY A 176 -5.64 4.01 13.22
C GLY A 176 -6.86 4.51 13.98
N GLU A 177 -6.75 4.67 15.29
CA GLU A 177 -7.91 5.14 16.05
C GLU A 177 -8.25 6.59 15.70
N GLN A 178 -7.24 7.46 15.63
CA GLN A 178 -7.53 8.84 15.23
C GLN A 178 -7.92 8.91 13.76
N GLN A 179 -7.27 8.10 12.91
CA GLN A 179 -7.63 8.10 11.50
C GLN A 179 -9.10 7.74 11.32
N ALA A 180 -9.53 6.66 11.98
CA ALA A 180 -10.92 6.24 11.95
C ALA A 180 -11.86 7.35 12.43
N ALA A 181 -11.50 8.02 13.54
CA ALA A 181 -12.34 9.09 14.07
C ALA A 181 -12.54 10.19 13.04
N ILE A 182 -11.47 10.60 12.38
CA ILE A 182 -11.57 11.67 11.38
C ILE A 182 -12.37 11.20 10.17
N PHE A 183 -12.05 10.01 9.65
CA PHE A 183 -12.81 9.45 8.54
C PHE A 183 -14.29 9.41 8.86
N GLU A 184 -14.65 8.91 10.04
CA GLU A 184 -16.06 8.77 10.37
C GLU A 184 -16.74 10.12 10.60
N SER A 185 -15.98 11.12 11.04
CA SER A 185 -16.55 12.46 11.17
C SER A 185 -16.97 13.02 9.82
N GLU A 186 -16.34 12.58 8.73
CA GLU A 186 -16.72 12.99 7.39
C GLU A 186 -17.77 12.09 6.75
N GLY A 187 -18.18 11.03 7.43
CA GLY A 187 -19.21 10.15 6.92
C GLY A 187 -18.73 8.98 6.10
N LEU A 188 -17.43 8.69 6.09
CA LEU A 188 -16.88 7.61 5.29
C LEU A 188 -17.15 6.25 5.95
N SER A 189 -17.57 5.29 5.14
CA SER A 189 -17.77 3.92 5.64
C SER A 189 -16.42 3.26 5.92
N PRO A 190 -16.24 2.63 7.09
CA PRO A 190 -14.99 1.90 7.34
C PRO A 190 -14.69 0.82 6.32
N SER A 191 -15.72 0.27 5.66
CA SER A 191 -15.52 -0.73 4.62
C SER A 191 -14.77 -0.17 3.42
N ARG A 192 -14.59 1.15 3.34
CA ARG A 192 -13.83 1.76 2.27
C ARG A 192 -12.41 2.10 2.69
N VAL A 193 -11.95 1.67 3.87
CA VAL A 193 -10.68 2.11 4.43
C VAL A 193 -9.85 0.91 4.87
N CYS A 194 -8.59 0.87 4.47
CA CYS A 194 -7.61 -0.06 5.00
C CYS A 194 -6.64 0.70 5.89
N ILE A 195 -6.55 0.29 7.15
CA ILE A 195 -5.57 0.85 8.09
C ILE A 195 -4.27 0.07 7.91
N GLY A 196 -3.26 0.69 7.31
CA GLY A 196 -2.05 -0.02 6.91
C GLY A 196 -0.95 -0.03 7.96
N HIS A 197 0.10 -0.80 7.65
CA HIS A 197 1.23 -1.09 8.54
C HIS A 197 0.75 -1.65 9.87
N SER A 198 -0.43 -2.27 9.85
CA SER A 198 -0.95 -2.81 11.08
C SER A 198 -0.19 -4.05 11.55
N ASP A 199 0.63 -4.65 10.70
CA ASP A 199 1.49 -5.74 11.17
C ASP A 199 2.72 -5.22 11.93
N ASP A 200 2.88 -3.90 12.05
CA ASP A 200 3.96 -3.32 12.85
C ASP A 200 3.69 -3.41 14.35
N THR A 201 2.50 -3.81 14.77
CA THR A 201 2.18 -3.90 16.19
C THR A 201 1.70 -5.31 16.51
N ASP A 202 1.84 -5.69 17.78
CA ASP A 202 1.27 -6.95 18.27
C ASP A 202 0.01 -6.73 19.11
N ASP A 203 -0.46 -5.49 19.22
CA ASP A 203 -1.57 -5.15 20.10
C ASP A 203 -2.89 -5.60 19.48
N LEU A 204 -3.38 -6.76 19.91
CA LEU A 204 -4.65 -7.29 19.40
C LEU A 204 -5.84 -6.43 19.81
N SER A 205 -5.75 -5.72 20.94
CA SER A 205 -6.87 -4.87 21.33
CA SER A 205 -6.88 -4.88 21.32
C SER A 205 -7.05 -3.72 20.34
N TYR A 206 -5.94 -3.15 19.90
CA TYR A 206 -5.99 -2.11 18.87
C TYR A 206 -6.51 -2.67 17.55
N LEU A 207 -5.95 -3.80 17.10
CA LEU A 207 -6.33 -4.34 15.80
C LEU A 207 -7.79 -4.77 15.78
N THR A 208 -8.27 -5.44 16.84
CA THR A 208 -9.66 -5.85 16.82
C THR A 208 -10.61 -4.67 17.04
N ALA A 209 -10.15 -3.59 17.69
CA ALA A 209 -11.01 -2.43 17.82
C ALA A 209 -11.28 -1.82 16.45
N LEU A 210 -10.27 -1.81 15.58
CA LEU A 210 -10.49 -1.33 14.22
C LEU A 210 -11.35 -2.32 13.43
N ALA A 211 -11.01 -3.60 13.48
CA ALA A 211 -11.75 -4.58 12.69
C ALA A 211 -13.20 -4.67 13.13
N ALA A 212 -13.47 -4.54 14.43
CA ALA A 212 -14.85 -4.65 14.91
C ALA A 212 -15.75 -3.57 14.32
N ARG A 213 -15.22 -2.38 14.06
CA ARG A 213 -16.08 -1.35 13.50
C ARG A 213 -16.09 -1.34 11.98
N GLY A 214 -15.41 -2.30 11.35
CA GLY A 214 -15.56 -2.55 9.93
C GLY A 214 -14.37 -2.20 9.06
N TYR A 215 -13.25 -1.76 9.64
CA TYR A 215 -12.07 -1.41 8.85
C TYR A 215 -11.38 -2.64 8.27
N LEU A 216 -10.79 -2.47 7.09
CA LEU A 216 -9.86 -3.46 6.58
C LEU A 216 -8.50 -3.23 7.25
N ILE A 217 -7.81 -4.33 7.53
CA ILE A 217 -6.56 -4.31 8.30
C ILE A 217 -5.41 -4.66 7.37
N GLY A 218 -4.50 -3.71 7.16
CA GLY A 218 -3.41 -3.92 6.24
C GLY A 218 -2.21 -4.54 6.93
N LEU A 219 -2.01 -5.85 6.74
CA LEU A 219 -0.86 -6.57 7.26
C LEU A 219 0.12 -6.63 6.10
N ASP A 220 0.85 -5.52 5.91
CA ASP A 220 1.39 -5.22 4.60
C ASP A 220 2.91 -5.16 4.55
N GLY A 221 3.61 -5.48 5.63
CA GLY A 221 5.05 -5.43 5.61
C GLY A 221 5.66 -6.73 6.08
N ILE A 222 5.07 -7.85 5.70
CA ILE A 222 5.42 -9.15 6.30
C ILE A 222 6.91 -9.44 6.23
N PRO A 223 7.63 -9.20 5.13
CA PRO A 223 9.07 -9.51 5.12
C PRO A 223 9.96 -8.45 5.74
N HIS A 224 9.41 -7.38 6.31
CA HIS A 224 10.24 -6.33 6.90
C HIS A 224 10.79 -6.80 8.23
N SER A 225 12.07 -7.15 8.27
CA SER A 225 12.71 -7.52 9.53
C SER A 225 14.20 -7.27 9.41
N ALA A 226 14.77 -6.74 10.48
CA ALA A 226 16.21 -6.55 10.59
C ALA A 226 16.87 -7.58 11.48
N ILE A 227 16.17 -8.68 11.80
CA ILE A 227 16.81 -9.75 12.55
C ILE A 227 17.99 -10.26 11.75
N GLY A 228 19.16 -10.26 12.36
CA GLY A 228 20.40 -10.52 11.65
C GLY A 228 21.16 -9.29 11.21
N LEU A 229 20.65 -8.09 11.49
CA LEU A 229 21.33 -6.84 11.16
C LEU A 229 21.25 -5.85 12.32
N ASP A 231 23.69 -4.80 13.86
CA ASP A 231 24.80 -3.90 13.60
C ASP A 231 24.36 -2.65 12.83
N ASN A 232 23.34 -2.78 11.99
CA ASN A 232 22.93 -1.75 11.04
C ASN A 232 21.80 -0.94 11.67
N ALA A 233 22.14 0.25 12.17
CA ALA A 233 21.16 1.04 12.91
C ALA A 233 20.04 1.52 12.00
N SER A 234 20.38 1.99 10.79
CA SER A 234 19.35 2.54 9.92
C SER A 234 18.37 1.44 9.50
N ALA A 235 18.88 0.25 9.20
CA ALA A 235 17.98 -0.83 8.79
C ALA A 235 17.11 -1.31 9.95
N SER A 236 17.68 -1.38 11.16
CA SER A 236 16.87 -1.81 12.30
C SER A 236 15.79 -0.79 12.63
N ALA A 237 16.08 0.51 12.48
CA ALA A 237 15.07 1.52 12.72
C ALA A 237 13.92 1.38 11.73
N LEU A 238 14.24 1.09 10.46
CA LEU A 238 13.21 0.99 9.43
C LEU A 238 12.44 -0.32 9.50
N LEU A 239 13.15 -1.45 9.62
CA LEU A 239 12.54 -2.77 9.45
C LEU A 239 12.05 -3.40 10.74
N GLY A 240 12.58 -2.98 11.89
CA GLY A 240 12.15 -3.53 13.16
C GLY A 240 12.84 -4.85 13.47
N ASN A 241 12.65 -5.30 14.71
CA ASN A 241 13.29 -6.52 15.19
C ASN A 241 12.31 -7.67 15.41
N ARG A 242 11.11 -7.59 14.85
CA ARG A 242 10.16 -8.70 14.89
C ARG A 242 10.31 -9.52 13.61
N SER A 243 10.19 -10.85 13.75
CA SER A 243 10.40 -11.72 12.60
C SER A 243 9.23 -11.64 11.62
N TRP A 244 9.49 -12.06 10.37
CA TRP A 244 8.40 -12.16 9.41
C TRP A 244 7.36 -13.17 9.87
N GLN A 245 7.78 -14.25 10.54
CA GLN A 245 6.82 -15.22 11.06
C GLN A 245 5.90 -14.57 12.09
N THR A 246 6.44 -13.72 12.96
CA THR A 246 5.62 -13.02 13.94
C THR A 246 4.58 -12.15 13.25
N ARG A 247 5.00 -11.41 12.22
CA ARG A 247 4.05 -10.60 11.46
C ARG A 247 3.00 -11.46 10.76
N ALA A 248 3.46 -12.54 10.12
CA ALA A 248 2.55 -13.42 9.39
C ALA A 248 1.53 -14.06 10.32
N LEU A 249 1.90 -14.35 11.56
CA LEU A 249 0.95 -14.99 12.46
C LEU A 249 -0.19 -14.06 12.85
N LEU A 250 -0.04 -12.74 12.62
CA LEU A 250 -1.16 -11.84 12.83
C LEU A 250 -2.26 -12.11 11.82
N ILE A 251 -1.90 -12.58 10.62
CA ILE A 251 -2.92 -12.99 9.66
C ILE A 251 -3.76 -14.11 10.25
N LYS A 252 -3.11 -15.14 10.80
CA LYS A 252 -3.84 -16.23 11.43
C LYS A 252 -4.66 -15.73 12.63
N ALA A 253 -4.09 -14.81 13.42
CA ALA A 253 -4.81 -14.32 14.59
C ALA A 253 -6.13 -13.68 14.21
N LEU A 254 -6.11 -12.83 13.18
CA LEU A 254 -7.35 -12.16 12.78
C LEU A 254 -8.32 -13.14 12.11
N ILE A 255 -7.81 -14.15 11.39
CA ILE A 255 -8.69 -15.19 10.88
C ILE A 255 -9.40 -15.89 12.04
N ASP A 256 -8.63 -16.23 13.08
CA ASP A 256 -9.18 -16.96 14.21
C ASP A 256 -10.19 -16.14 15.00
N GLN A 257 -10.19 -14.81 14.84
CA GLN A 257 -11.15 -13.95 15.50
C GLN A 257 -12.34 -13.62 14.63
N GLY A 258 -12.41 -14.17 13.43
CA GLY A 258 -13.56 -14.00 12.56
C GLY A 258 -13.44 -12.88 11.56
N TYR A 259 -12.24 -12.34 11.32
CA TYR A 259 -12.06 -11.19 10.45
C TYR A 259 -11.43 -11.54 9.10
N MET A 260 -11.57 -12.78 8.64
CA MET A 260 -10.87 -13.16 7.42
C MET A 260 -11.23 -12.28 6.23
N LYS A 261 -12.47 -11.77 6.16
CA LYS A 261 -12.87 -10.94 5.04
C LYS A 261 -12.33 -9.51 5.11
N GLN A 262 -11.66 -9.14 6.20
CA GLN A 262 -11.17 -7.78 6.39
C GLN A 262 -9.65 -7.68 6.35
N ILE A 263 -8.96 -8.78 6.05
CA ILE A 263 -7.50 -8.81 6.06
C ILE A 263 -6.99 -8.54 4.65
N LEU A 264 -6.06 -7.59 4.51
CA LEU A 264 -5.31 -7.40 3.28
C LEU A 264 -3.81 -7.62 3.57
N VAL A 265 -3.14 -8.39 2.71
CA VAL A 265 -1.75 -8.81 2.94
C VAL A 265 -0.86 -8.27 1.82
N SER A 266 0.34 -7.83 2.18
CA SER A 266 1.25 -7.34 1.15
C SER A 266 2.67 -7.34 1.70
N ASN A 267 3.64 -6.95 0.85
CA ASN A 267 5.05 -6.91 1.23
C ASN A 267 5.56 -5.53 1.57
N ASP A 268 4.90 -4.47 1.10
CA ASP A 268 5.45 -3.12 1.14
C ASP A 268 6.89 -3.13 0.62
N TRP A 269 7.08 -3.78 -0.52
CA TRP A 269 8.38 -3.85 -1.18
C TRP A 269 8.52 -2.72 -2.18
N LEU A 270 9.75 -2.55 -2.68
CA LEU A 270 10.11 -1.52 -3.65
C LEU A 270 11.21 -2.08 -4.53
N PHE A 271 11.39 -1.45 -5.69
CA PHE A 271 12.54 -1.73 -6.54
C PHE A 271 13.55 -0.59 -6.55
N GLY A 272 13.13 0.61 -6.17
CA GLY A 272 14.03 1.70 -5.86
C GLY A 272 13.51 2.41 -4.63
N PHE A 273 14.42 3.06 -3.91
CA PHE A 273 14.06 3.60 -2.58
C PHE A 273 15.06 4.73 -2.28
N SER A 274 14.72 5.95 -2.70
CA SER A 274 15.58 7.11 -2.47
C SER A 274 15.18 7.94 -1.25
N SER A 275 13.99 7.72 -0.68
CA SER A 275 13.55 8.52 0.46
C SER A 275 14.08 8.00 1.79
N TYR A 276 15.12 7.16 1.80
CA TYR A 276 15.75 6.72 3.02
C TYR A 276 17.25 6.70 2.77
N VAL A 277 18.01 6.00 3.62
CA VAL A 277 19.48 6.04 3.52
C VAL A 277 19.94 5.39 2.21
N THR A 278 21.13 5.80 1.77
CA THR A 278 21.70 5.23 0.55
C THR A 278 21.94 3.73 0.72
N ASN A 279 21.67 2.97 -0.34
CA ASN A 279 21.88 1.53 -0.41
C ASN A 279 20.92 0.73 0.49
N ILE A 280 19.86 1.36 1.01
CA ILE A 280 18.85 0.59 1.76
C ILE A 280 18.23 -0.49 0.90
N MET A 281 18.05 -0.22 -0.39
CA MET A 281 17.46 -1.23 -1.27
C MET A 281 18.33 -2.49 -1.30
N ASP A 282 19.66 -2.32 -1.33
CA ASP A 282 20.56 -3.46 -1.29
C ASP A 282 20.39 -4.25 0.00
N VAL A 283 20.25 -3.56 1.13
CA VAL A 283 20.08 -4.24 2.40
C VAL A 283 18.75 -4.98 2.42
N MET A 284 17.68 -4.31 1.98
CA MET A 284 16.37 -4.97 1.97
C MET A 284 16.37 -6.18 1.05
N ASP A 285 17.03 -6.07 -0.10
CA ASP A 285 17.04 -7.20 -1.03
C ASP A 285 17.84 -8.37 -0.48
N SER A 286 18.85 -8.08 0.36
CA SER A 286 19.56 -9.14 1.08
C SER A 286 18.65 -9.86 2.06
N VAL A 287 17.84 -9.09 2.78
CA VAL A 287 16.92 -9.68 3.77
C VAL A 287 15.89 -10.55 3.06
N ASN A 288 15.32 -10.06 1.97
CA ASN A 288 14.22 -10.73 1.29
C ASN A 288 14.49 -10.78 -0.21
N PRO A 289 15.26 -11.77 -0.67
CA PRO A 289 15.54 -11.90 -2.10
C PRO A 289 14.31 -12.19 -2.94
N ASP A 290 13.24 -12.69 -2.33
CA ASP A 290 12.00 -12.96 -3.07
C ASP A 290 11.25 -11.69 -3.44
N GLY A 291 11.56 -10.57 -2.79
CA GLY A 291 10.89 -9.33 -3.12
C GLY A 291 9.39 -9.46 -2.95
N MET A 292 8.65 -9.02 -3.97
CA MET A 292 7.20 -9.03 -3.91
C MET A 292 6.64 -10.45 -3.98
N ALA A 293 7.42 -11.42 -4.43
CA ALA A 293 6.97 -12.80 -4.41
C ALA A 293 7.01 -13.42 -3.02
N PHE A 294 7.46 -12.68 -2.00
CA PHE A 294 7.56 -13.26 -0.67
C PHE A 294 6.20 -13.73 -0.14
N ILE A 295 5.13 -12.98 -0.40
CA ILE A 295 3.82 -13.37 0.11
C ILE A 295 3.42 -14.73 -0.45
N PRO A 296 3.34 -14.93 -1.79
CA PRO A 296 2.92 -16.26 -2.26
C PRO A 296 3.94 -17.35 -2.04
N LEU A 297 5.23 -17.05 -2.12
CA LEU A 297 6.25 -18.10 -2.03
C LEU A 297 6.51 -18.55 -0.59
N ARG A 298 6.38 -17.66 0.37
N ARG A 298 6.42 -17.65 0.38
CA ARG A 298 6.77 -17.99 1.74
CA ARG A 298 6.76 -18.00 1.74
C ARG A 298 5.67 -17.81 2.78
C ARG A 298 5.57 -17.89 2.69
N VAL A 299 4.83 -16.78 2.66
CA VAL A 299 3.80 -16.56 3.66
C VAL A 299 2.64 -17.54 3.47
N ILE A 300 2.17 -17.70 2.24
CA ILE A 300 1.05 -18.62 1.99
C ILE A 300 1.38 -20.04 2.44
N PRO A 301 2.51 -20.65 2.04
CA PRO A 301 2.81 -22.00 2.55
C PRO A 301 2.96 -22.03 4.06
N PHE A 302 3.52 -20.99 4.66
CA PHE A 302 3.65 -20.92 6.11
C PHE A 302 2.30 -20.98 6.80
N LEU A 303 1.34 -20.19 6.32
CA LEU A 303 0.00 -20.21 6.91
C LEU A 303 -0.70 -21.53 6.66
N ARG A 304 -0.49 -22.15 5.49
CA ARG A 304 -1.05 -23.47 5.25
C ARG A 304 -0.52 -24.47 6.27
N GLU A 305 0.80 -24.46 6.52
CA GLU A 305 1.38 -25.38 7.49
C GLU A 305 0.85 -25.11 8.89
N LYS A 306 0.49 -23.87 9.18
CA LYS A 306 -0.13 -23.56 10.47
C LYS A 306 -1.61 -23.87 10.49
N GLY A 307 -2.16 -24.46 9.44
CA GLY A 307 -3.53 -24.93 9.45
C GLY A 307 -4.55 -24.02 8.81
N VAL A 308 -4.15 -22.92 8.21
CA VAL A 308 -5.14 -22.06 7.54
C VAL A 308 -5.56 -22.72 6.23
N PRO A 309 -6.87 -22.92 5.98
CA PRO A 309 -7.28 -23.56 4.74
C PRO A 309 -6.90 -22.72 3.53
N GLN A 310 -6.61 -23.41 2.42
CA GLN A 310 -6.26 -22.71 1.19
C GLN A 310 -7.39 -21.81 0.73
N GLU A 311 -8.65 -22.25 0.91
CA GLU A 311 -9.78 -21.41 0.51
C GLU A 311 -9.78 -20.08 1.25
N THR A 312 -9.41 -20.10 2.53
CA THR A 312 -9.34 -18.86 3.31
C THR A 312 -8.25 -17.95 2.78
N LEU A 313 -7.10 -18.51 2.42
CA LEU A 313 -6.01 -17.70 1.89
C LEU A 313 -6.36 -17.16 0.51
N ALA A 314 -7.08 -17.94 -0.31
CA ALA A 314 -7.55 -17.42 -1.58
C ALA A 314 -8.54 -16.28 -1.38
N GLY A 315 -9.40 -16.38 -0.37
CA GLY A 315 -10.31 -15.28 -0.08
C GLY A 315 -9.56 -14.02 0.29
N ILE A 316 -8.46 -14.16 1.04
CA ILE A 316 -7.72 -13.00 1.52
C ILE A 316 -6.96 -12.34 0.37
N THR A 317 -6.37 -13.14 -0.51
CA THR A 317 -5.49 -12.62 -1.57
C THR A 317 -6.23 -12.30 -2.86
N VAL A 318 -7.44 -12.81 -3.05
CA VAL A 318 -8.17 -12.53 -4.28
C VAL A 318 -9.48 -11.80 -3.96
N THR A 319 -10.33 -12.41 -3.14
CA THR A 319 -11.66 -11.84 -2.91
C THR A 319 -11.58 -10.50 -2.17
N ASN A 320 -10.85 -10.44 -1.06
CA ASN A 320 -10.80 -9.19 -0.30
C ASN A 320 -10.28 -8.02 -1.14
N PRO A 321 -9.17 -8.14 -1.88
CA PRO A 321 -8.72 -6.98 -2.68
C PRO A 321 -9.73 -6.54 -3.72
N ALA A 322 -10.40 -7.49 -4.37
CA ALA A 322 -11.42 -7.12 -5.35
C ALA A 322 -12.58 -6.37 -4.70
N ARG A 323 -13.03 -6.82 -3.54
CA ARG A 323 -14.10 -6.12 -2.85
C ARG A 323 -13.66 -4.73 -2.42
N PHE A 324 -12.43 -4.62 -1.95
CA PHE A 324 -11.90 -3.34 -1.48
C PHE A 324 -11.77 -2.34 -2.64
N LEU A 325 -11.13 -2.77 -3.74
CA LEU A 325 -10.81 -1.89 -4.85
C LEU A 325 -12.02 -1.53 -5.70
N SER A 326 -13.01 -2.42 -5.81
CA SER A 326 -14.20 -2.13 -6.60
CA SER A 326 -14.18 -2.12 -6.61
C SER A 326 -14.86 -0.85 -6.10
N PRO A 327 -15.02 0.17 -6.94
CA PRO A 327 -15.61 1.43 -6.45
C PRO A 327 -17.04 1.25 -5.97
N THR A 328 -17.32 1.78 -4.79
CA THR A 328 -18.63 1.69 -4.14
C THR A 328 -18.63 2.57 -2.90
N LEU A 329 -19.82 3.01 -2.50
CA LEU A 329 -19.93 3.77 -1.25
C LEU A 329 -19.95 2.82 -0.05
C FMT B . 2.66 4.11 2.24
O1 FMT B . 2.65 4.03 3.48
O2 FMT B . 3.53 3.63 1.49
ZN ZN C . 4.44 1.72 1.49
ZN ZN D . 4.00 3.58 4.80
C1 GOL E . -5.46 14.19 -17.63
O1 GOL E . -4.26 13.52 -17.28
C2 GOL E . -5.29 14.88 -19.04
O2 GOL E . -4.29 15.85 -19.05
C3 GOL E . -5.00 13.71 -20.03
O3 GOL E . -6.21 13.04 -20.25
C1 GOL F . 7.21 12.09 -10.78
O1 GOL F . 7.38 12.80 -9.58
C2 GOL F . 7.24 13.13 -11.95
O2 GOL F . 8.51 13.67 -12.12
C3 GOL F . 6.77 12.35 -13.20
O3 GOL F . 5.59 11.71 -12.90
C1 GOL G . -9.50 16.83 -23.38
O1 GOL G . -8.44 17.53 -23.96
C2 GOL G . -9.29 16.89 -21.83
O2 GOL G . -7.94 16.90 -21.49
C3 GOL G . -10.07 18.14 -21.34
O3 GOL G . -9.49 19.26 -21.97
S SO4 H . 13.89 -17.53 8.00
O1 SO4 H . 13.02 -17.76 6.86
O2 SO4 H . 13.30 -18.07 9.22
O3 SO4 H . 15.18 -18.19 7.77
O4 SO4 H . 14.11 -16.10 8.17
C02 X3B I . 6.37 3.13 3.38
C04 X3B I . 8.45 1.87 3.11
C06 X3B I . 8.06 3.90 1.87
C07 X3B I . 6.65 3.70 2.07
C08 X3B I . 8.91 0.65 3.31
O01 X3B I . 5.89 4.14 4.22
O03 X3B I . 7.51 2.58 3.99
O05 X3B I . 8.81 2.72 1.96
O09 X3B I . 5.38 2.14 3.24
C1 EDO J . 11.37 7.46 5.70
O1 EDO J . 12.56 8.13 5.25
C2 EDO J . 10.79 6.61 4.57
O2 EDO J . 9.90 5.64 5.13
#